data_5DFP
#
_entry.id   5DFP
#
_cell.length_a   51.965
_cell.length_b   103.819
_cell.length_c   123.542
_cell.angle_alpha   90.00
_cell.angle_beta   90.00
_cell.angle_gamma   90.00
#
_symmetry.space_group_name_H-M   'C 2 2 21'
#
loop_
_entity.id
_entity.type
_entity.pdbx_description
1 polymer 'Serine/threonine-protein kinase PAK 1'
2 non-polymer 6-[2-chloro-4-(6-methylpyrazin-2-yl)phenyl]-8-ethyl-2-{[2-(1-methylpiperidin-4-yl)ethyl]amino}pyrido[2,3-d]pyrimidin-7(8H)-one
3 non-polymer 'DIMETHYL SULFOXIDE'
4 water water
#
_entity_poly.entity_id   1
_entity_poly.type   'polypeptide(L)'
_entity_poly.pdbx_seq_one_letter_code
;SDEEILEKLRSIVSVGDPKKKYTRFEKIGQGASGTVYTAMDVATGQEVAIRQMNLQQQPKKELIINEILVMRENKNPNIV
NYLDSYLVGDELWVVMEYLAGGSLTDVVTETCMDEGQIAAVCRECLQALEFLHSNQVIHRDIKSDNILLGMDGSVKLTDF
GFCAQITPEQSKRS(TPO)MVGTPYWMAPEVVTRKAYGPKVDIWSLGIMAIEMIEGEPPYLNENPLRALYLIATNGTPEL
QNPEKLSAIFRDFLNRCLEMDVEKRGSAKELLQHQFLKIAKPLSSLTPLIAAAKEATKNNH
;
_entity_poly.pdbx_strand_id   A
#
loop_
_chem_comp.id
_chem_comp.type
_chem_comp.name
_chem_comp.formula
59U non-polymer 6-[2-chloro-4-(6-methylpyrazin-2-yl)phenyl]-8-ethyl-2-{[2-(1-methylpiperidin-4-yl)ethyl]amino}pyrido[2,3-d]pyrimidin-7(8H)-one 'C28 H32 Cl N7 O'
DMS non-polymer 'DIMETHYL SULFOXIDE' 'C2 H6 O S'
#
# COMPACT_ATOMS: atom_id res chain seq x y z
N SER A 1 7.60 -27.35 0.95
CA SER A 1 8.65 -28.03 1.73
C SER A 1 9.54 -27.02 2.46
N ASP A 2 9.99 -27.38 3.66
CA ASP A 2 10.90 -26.49 4.39
C ASP A 2 12.24 -26.36 3.68
N GLU A 3 12.85 -27.49 3.33
CA GLU A 3 14.17 -27.46 2.70
C GLU A 3 14.14 -26.69 1.39
N GLU A 4 13.18 -26.99 0.53
CA GLU A 4 13.14 -26.34 -0.78
C GLU A 4 13.01 -24.82 -0.68
N ILE A 5 12.23 -24.38 0.30
CA ILE A 5 11.99 -22.95 0.52
C ILE A 5 13.30 -22.27 0.89
N LEU A 6 14.08 -22.92 1.73
CA LEU A 6 15.38 -22.39 2.11
C LEU A 6 16.34 -22.34 0.92
N GLU A 7 16.30 -23.35 0.06
CA GLU A 7 17.22 -23.36 -1.09
C GLU A 7 16.84 -22.23 -2.03
N LYS A 8 15.54 -21.98 -2.13
CA LYS A 8 15.01 -20.95 -3.01
C LYS A 8 15.30 -19.56 -2.47
N LEU A 9 15.13 -19.37 -1.16
CA LEU A 9 15.54 -18.11 -0.57
C LEU A 9 17.07 -17.92 -0.71
N ARG A 10 17.83 -19.00 -0.55
CA ARG A 10 19.28 -18.93 -0.73
C ARG A 10 19.69 -18.39 -2.10
N SER A 11 19.00 -18.82 -3.15
CA SER A 11 19.32 -18.35 -4.50
C SER A 11 18.94 -16.88 -4.71
N ILE A 12 17.88 -16.44 -4.04
CA ILE A 12 17.39 -15.07 -4.18
C ILE A 12 18.31 -14.04 -3.53
N VAL A 13 18.75 -14.32 -2.31
CA VAL A 13 19.45 -13.34 -1.48
C VAL A 13 20.90 -13.11 -1.89
N SER A 14 21.45 -11.98 -1.49
CA SER A 14 22.88 -11.75 -1.61
C SER A 14 23.60 -12.59 -0.57
N VAL A 15 24.89 -12.78 -0.77
CA VAL A 15 25.66 -13.65 0.13
C VAL A 15 26.20 -12.93 1.37
N GLY A 16 26.38 -13.70 2.44
CA GLY A 16 27.09 -13.21 3.60
C GLY A 16 26.21 -12.63 4.70
N ASP A 17 26.87 -11.98 5.64
CA ASP A 17 26.20 -11.38 6.78
C ASP A 17 26.09 -9.89 6.55
N PRO A 18 24.86 -9.35 6.58
CA PRO A 18 24.67 -7.93 6.31
C PRO A 18 24.96 -7.00 7.49
N LYS A 19 25.24 -7.51 8.68
CA LYS A 19 25.44 -6.59 9.81
C LYS A 19 26.76 -5.85 9.74
N LYS A 20 27.61 -6.24 8.81
CA LYS A 20 28.77 -5.45 8.49
C LYS A 20 28.29 -4.23 7.71
N LYS A 21 27.36 -4.48 6.78
CA LYS A 21 26.92 -3.48 5.79
C LYS A 21 26.01 -2.37 6.32
N TYR A 22 25.49 -2.51 7.53
CA TYR A 22 24.57 -1.52 8.08
C TYR A 22 24.88 -1.28 9.55
N THR A 23 24.78 -0.02 9.98
CA THR A 23 25.32 0.38 11.27
C THR A 23 24.32 0.78 12.35
N ARG A 24 23.50 1.81 12.08
CA ARG A 24 22.81 2.47 13.18
C ARG A 24 21.40 1.97 13.44
N PHE A 25 21.30 0.73 13.92
CA PHE A 25 20.00 0.09 14.12
C PHE A 25 19.13 0.72 15.21
N GLU A 26 17.89 1.01 14.86
CA GLU A 26 16.87 1.41 15.82
C GLU A 26 15.60 0.62 15.50
N LYS A 27 15.21 -0.29 16.38
CA LYS A 27 13.97 -1.03 16.19
C LYS A 27 12.79 -0.08 16.12
N ILE A 28 12.00 -0.18 15.06
CA ILE A 28 10.75 0.59 14.95
C ILE A 28 9.51 -0.30 14.84
N GLY A 29 9.61 -1.59 15.12
CA GLY A 29 8.44 -2.45 14.97
C GLY A 29 8.67 -3.90 15.31
N GLN A 30 7.58 -4.61 15.60
CA GLN A 30 7.66 -6.05 15.90
C GLN A 30 6.30 -6.73 15.77
N GLY A 31 6.34 -8.04 15.62
CA GLY A 31 5.13 -8.83 15.46
C GLY A 31 5.45 -10.21 14.92
N ALA A 32 4.45 -10.88 14.37
CA ALA A 32 4.67 -12.18 13.75
C ALA A 32 5.42 -12.00 12.44
N SER A 33 5.23 -10.84 11.82
CA SER A 33 5.90 -10.52 10.56
C SER A 33 7.36 -10.17 10.82
N GLY A 34 7.83 -10.45 12.03
CA GLY A 34 9.21 -10.18 12.40
C GLY A 34 9.43 -8.79 12.96
N THR A 35 10.68 -8.35 12.89
CA THR A 35 11.12 -7.11 13.50
C THR A 35 11.68 -6.16 12.44
N VAL A 36 11.29 -4.89 12.53
CA VAL A 36 11.72 -3.89 11.56
C VAL A 36 12.61 -2.84 12.20
N TYR A 37 13.68 -2.48 11.51
CA TYR A 37 14.59 -1.45 12.02
C TYR A 37 14.75 -0.36 10.98
N THR A 38 15.29 0.78 11.43
CA THR A 38 15.87 1.74 10.52
C THR A 38 17.36 1.58 10.73
N ALA A 39 18.15 1.87 9.72
CA ALA A 39 19.59 1.70 9.80
C ALA A 39 20.23 2.54 8.73
N MET A 40 21.55 2.60 8.76
CA MET A 40 22.30 3.34 7.76
C MET A 40 23.21 2.38 7.02
N ASP A 41 23.20 2.51 5.70
CA ASP A 41 24.12 1.78 4.85
C ASP A 41 25.54 2.32 5.11
N VAL A 42 26.28 1.64 5.98
CA VAL A 42 27.62 2.04 6.40
C VAL A 42 28.52 2.52 5.26
N ALA A 43 28.28 2.01 4.06
CA ALA A 43 29.05 2.41 2.89
C ALA A 43 28.59 3.74 2.29
N THR A 44 27.30 3.84 1.98
CA THR A 44 26.75 4.92 1.15
C THR A 44 26.04 6.05 1.90
N GLY A 45 25.78 5.86 3.19
CA GLY A 45 25.07 6.86 3.97
C GLY A 45 23.55 6.77 3.88
N GLN A 46 23.05 5.94 2.98
CA GLN A 46 21.59 5.81 2.79
C GLN A 46 20.89 5.21 4.00
N GLU A 47 19.82 5.85 4.44
CA GLU A 47 19.00 5.33 5.51
C GLU A 47 18.04 4.28 4.94
N VAL A 48 17.93 3.15 5.63
CA VAL A 48 17.16 2.01 5.13
C VAL A 48 16.25 1.49 6.21
N ALA A 49 15.26 0.71 5.79
CA ALA A 49 14.39 -0.01 6.70
C ALA A 49 14.68 -1.47 6.49
N ILE A 50 14.86 -2.21 7.57
CA ILE A 50 15.20 -3.62 7.46
C ILE A 50 14.22 -4.44 8.27
N ARG A 51 13.71 -5.49 7.65
CA ARG A 51 12.87 -6.44 8.34
C ARG A 51 13.68 -7.69 8.57
N GLN A 52 13.80 -8.11 9.83
CA GLN A 52 14.44 -9.39 10.20
C GLN A 52 13.40 -10.44 10.58
N MET A 53 13.52 -11.64 10.02
CA MET A 53 12.58 -12.70 10.34
C MET A 53 13.32 -13.96 10.71
N ASN A 54 12.82 -14.68 11.71
CA ASN A 54 13.26 -16.04 11.96
C ASN A 54 12.31 -16.99 11.20
N LEU A 55 12.88 -17.81 10.31
CA LEU A 55 12.08 -18.66 9.42
C LEU A 55 11.46 -19.89 10.10
N GLN A 56 12.04 -20.31 11.23
CA GLN A 56 11.55 -21.48 11.96
C GLN A 56 10.16 -21.20 12.55
N GLN A 57 9.77 -19.94 12.54
CA GLN A 57 8.49 -19.55 13.09
C GLN A 57 7.74 -18.60 12.16
N GLN A 58 7.90 -18.82 10.86
CA GLN A 58 7.06 -18.13 9.88
C GLN A 58 6.16 -19.13 9.18
N PRO A 59 4.84 -18.94 9.34
CA PRO A 59 3.78 -19.85 8.88
C PRO A 59 3.80 -20.11 7.37
N LYS A 60 3.72 -19.03 6.58
CA LYS A 60 3.50 -19.16 5.15
C LYS A 60 4.69 -18.58 4.42
N LYS A 61 5.77 -19.35 4.36
CA LYS A 61 7.02 -18.88 3.76
C LYS A 61 6.92 -18.61 2.25
N GLU A 62 6.00 -19.31 1.59
CA GLU A 62 5.70 -19.06 0.17
C GLU A 62 5.29 -17.60 -0.08
N LEU A 63 4.57 -17.03 0.87
CA LEU A 63 4.16 -15.64 0.75
C LEU A 63 5.36 -14.71 0.83
N ILE A 64 6.35 -15.10 1.64
CA ILE A 64 7.56 -14.28 1.80
C ILE A 64 8.43 -14.22 0.54
N ILE A 65 8.75 -15.38 -0.01
CA ILE A 65 9.40 -15.48 -1.30
C ILE A 65 8.63 -14.71 -2.38
N ASN A 66 7.31 -14.93 -2.46
CA ASN A 66 6.49 -14.19 -3.44
C ASN A 66 6.65 -12.68 -3.29
N GLU A 67 6.59 -12.18 -2.06
CA GLU A 67 6.67 -10.75 -1.90
C GLU A 67 8.01 -10.24 -2.40
N ILE A 68 9.09 -10.89 -2.02
CA ILE A 68 10.42 -10.45 -2.44
C ILE A 68 10.53 -10.42 -3.95
N LEU A 69 10.16 -11.54 -4.60
CA LEU A 69 10.21 -11.64 -6.05
C LEU A 69 9.36 -10.55 -6.72
N VAL A 70 8.22 -10.22 -6.13
CA VAL A 70 7.37 -9.18 -6.71
C VAL A 70 8.02 -7.80 -6.58
N MET A 71 8.69 -7.53 -5.46
CA MET A 71 9.35 -6.25 -5.31
C MET A 71 10.44 -6.15 -6.35
N ARG A 72 11.20 -7.24 -6.48
CA ARG A 72 12.40 -7.25 -7.32
C ARG A 72 12.10 -6.89 -8.76
N GLU A 73 11.04 -7.46 -9.31
CA GLU A 73 10.77 -7.36 -10.73
C GLU A 73 9.73 -6.31 -11.09
N ASN A 74 9.22 -5.60 -10.10
CA ASN A 74 8.28 -4.52 -10.38
C ASN A 74 8.68 -3.18 -9.77
N LYS A 75 9.90 -2.73 -10.04
CA LYS A 75 10.34 -1.46 -9.53
C LYS A 75 9.56 -0.33 -10.23
N ASN A 76 9.41 0.78 -9.55
CA ASN A 76 8.59 1.88 -10.04
C ASN A 76 8.70 3.02 -9.03
N PRO A 77 8.81 4.27 -9.51
CA PRO A 77 9.01 5.44 -8.64
C PRO A 77 7.95 5.58 -7.55
N ASN A 78 6.75 5.06 -7.77
CA ASN A 78 5.71 5.13 -6.73
C ASN A 78 5.52 3.83 -5.97
N ILE A 79 6.58 3.02 -5.97
CA ILE A 79 6.65 1.83 -5.10
C ILE A 79 7.94 1.88 -4.25
N VAL A 80 7.79 1.61 -2.96
CA VAL A 80 8.89 1.68 -1.99
C VAL A 80 9.98 0.76 -2.50
N ASN A 81 11.21 1.27 -2.64
CA ASN A 81 12.25 0.52 -3.34
C ASN A 81 12.80 -0.66 -2.54
N TYR A 82 12.75 -1.85 -3.13
CA TYR A 82 13.38 -3.01 -2.52
C TYR A 82 14.86 -2.97 -2.84
N LEU A 83 15.71 -3.07 -1.82
CA LEU A 83 17.16 -2.88 -1.97
C LEU A 83 17.97 -4.17 -2.08
N ASP A 84 17.79 -5.09 -1.15
CA ASP A 84 18.58 -6.29 -1.09
C ASP A 84 17.91 -7.23 -0.10
N SER A 85 18.43 -8.44 0.00
CA SER A 85 18.00 -9.39 1.02
C SER A 85 19.18 -10.26 1.38
N TYR A 86 19.11 -10.90 2.55
CA TYR A 86 20.20 -11.70 3.08
C TYR A 86 19.62 -12.85 3.88
N LEU A 87 20.37 -13.93 3.99
CA LEU A 87 19.92 -15.05 4.80
C LEU A 87 21.11 -15.59 5.57
N VAL A 88 21.07 -15.40 6.88
CA VAL A 88 22.09 -15.90 7.79
C VAL A 88 21.44 -16.99 8.63
N GLY A 89 21.74 -18.25 8.36
CA GLY A 89 21.10 -19.33 9.07
C GLY A 89 19.59 -19.35 8.84
N ASP A 90 18.81 -19.26 9.92
CA ASP A 90 17.35 -19.22 9.77
C ASP A 90 16.84 -17.78 9.74
N GLU A 91 17.79 -16.85 9.80
CA GLU A 91 17.46 -15.43 9.90
C GLU A 91 17.47 -14.74 8.54
N LEU A 92 16.29 -14.36 8.06
CA LEU A 92 16.16 -13.65 6.80
C LEU A 92 16.04 -12.15 7.02
N TRP A 93 16.75 -11.39 6.19
CA TRP A 93 16.77 -9.95 6.23
C TRP A 93 16.27 -9.41 4.90
N VAL A 94 15.35 -8.46 4.95
CA VAL A 94 14.94 -7.74 3.73
C VAL A 94 15.21 -6.25 3.88
N VAL A 95 15.99 -5.68 2.98
CA VAL A 95 16.36 -4.28 3.11
C VAL A 95 15.63 -3.40 2.11
N MET A 96 14.98 -2.34 2.61
CA MET A 96 14.17 -1.46 1.80
C MET A 96 14.61 -0.01 1.98
N GLU A 97 14.37 0.84 0.99
CA GLU A 97 14.61 2.26 1.18
C GLU A 97 13.77 2.74 2.38
N TYR A 98 14.29 3.70 3.14
CA TYR A 98 13.55 4.23 4.28
C TYR A 98 12.89 5.55 3.91
N LEU A 99 11.60 5.68 4.21
CA LEU A 99 10.89 6.92 3.92
C LEU A 99 10.52 7.65 5.21
N ALA A 100 11.13 8.83 5.38
CA ALA A 100 11.09 9.56 6.64
C ALA A 100 9.80 10.34 6.82
N GLY A 101 9.02 10.47 5.76
CA GLY A 101 7.79 11.23 5.82
C GLY A 101 6.65 10.55 6.57
N GLY A 102 6.84 9.30 6.97
CA GLY A 102 5.80 8.58 7.68
C GLY A 102 4.81 7.90 6.75
N SER A 103 3.69 7.45 7.30
CA SER A 103 2.58 6.92 6.51
C SER A 103 1.52 8.00 6.29
N LEU A 104 0.73 7.82 5.24
CA LEU A 104 -0.42 8.68 4.99
C LEU A 104 -1.36 8.64 6.18
N THR A 105 -1.46 7.47 6.82
CA THR A 105 -2.31 7.33 8.00
C THR A 105 -1.99 8.40 9.02
N ASP A 106 -0.71 8.59 9.32
CA ASP A 106 -0.26 9.63 10.24
C ASP A 106 -0.82 10.97 9.78
N VAL A 107 -0.73 11.20 8.49
CA VAL A 107 -1.16 12.48 7.93
C VAL A 107 -2.66 12.70 8.06
N VAL A 108 -3.47 11.73 7.65
CA VAL A 108 -4.91 11.93 7.64
C VAL A 108 -5.45 11.95 9.06
N THR A 109 -4.69 11.32 9.94
CA THR A 109 -5.10 11.14 11.32
C THR A 109 -4.78 12.37 12.17
N GLU A 110 -3.80 13.15 11.75
CA GLU A 110 -3.33 14.29 12.52
C GLU A 110 -3.53 15.64 11.84
N THR A 111 -3.86 15.64 10.54
CA THR A 111 -3.97 16.88 9.78
C THR A 111 -5.21 16.89 8.89
N CYS A 112 -5.48 18.03 8.25
CA CYS A 112 -6.57 18.11 7.28
C CYS A 112 -6.04 18.52 5.92
N MET A 113 -6.11 17.61 4.95
CA MET A 113 -5.59 17.88 3.62
C MET A 113 -6.60 18.72 2.82
N ASP A 114 -6.12 19.64 1.98
CA ASP A 114 -7.03 20.31 1.04
C ASP A 114 -7.15 19.49 -0.24
N GLU A 115 -8.06 19.87 -1.14
CA GLU A 115 -8.30 19.07 -2.34
C GLU A 115 -7.08 18.94 -3.25
N GLY A 116 -6.25 19.98 -3.33
CA GLY A 116 -5.07 19.91 -4.17
C GLY A 116 -4.04 18.89 -3.68
N GLN A 117 -3.91 18.78 -2.36
CA GLN A 117 -2.99 17.82 -1.76
C GLN A 117 -3.54 16.41 -1.95
N ILE A 118 -4.84 16.24 -1.71
CA ILE A 118 -5.47 14.96 -1.98
C ILE A 118 -5.31 14.50 -3.43
N ALA A 119 -5.52 15.41 -4.39
CA ALA A 119 -5.41 15.07 -5.81
C ALA A 119 -4.01 14.56 -6.13
N ALA A 120 -3.02 15.21 -5.55
CA ALA A 120 -1.63 14.84 -5.76
C ALA A 120 -1.36 13.43 -5.26
N VAL A 121 -1.72 13.16 -4.00
CA VAL A 121 -1.64 11.78 -3.48
C VAL A 121 -2.40 10.75 -4.36
N CYS A 122 -3.65 11.06 -4.72
CA CYS A 122 -4.43 10.17 -5.58
C CYS A 122 -3.73 9.92 -6.92
N ARG A 123 -3.13 10.96 -7.48
CA ARG A 123 -2.46 10.84 -8.76
C ARG A 123 -1.32 9.83 -8.62
N GLU A 124 -0.51 10.03 -7.59
CA GLU A 124 0.69 9.23 -7.40
C GLU A 124 0.33 7.77 -7.23
N CYS A 125 -0.70 7.49 -6.45
CA CYS A 125 -1.16 6.11 -6.24
C CYS A 125 -1.66 5.45 -7.53
N LEU A 126 -2.43 6.19 -8.31
CA LEU A 126 -2.94 5.66 -9.56
C LEU A 126 -1.78 5.36 -10.52
N GLN A 127 -0.71 6.13 -10.44
CA GLN A 127 0.46 5.85 -11.27
C GLN A 127 1.00 4.47 -10.93
N ALA A 128 1.18 4.22 -9.62
CA ALA A 128 1.59 2.91 -9.14
C ALA A 128 0.62 1.82 -9.62
N LEU A 129 -0.67 2.10 -9.50
CA LEU A 129 -1.66 1.08 -9.80
C LEU A 129 -1.74 0.79 -11.30
N GLU A 130 -1.61 1.84 -12.11
CA GLU A 130 -1.63 1.66 -13.55
C GLU A 130 -0.47 0.76 -13.95
N PHE A 131 0.71 1.04 -13.42
CA PHE A 131 1.89 0.22 -13.70
C PHE A 131 1.71 -1.24 -13.26
N LEU A 132 1.20 -1.44 -12.04
CA LEU A 132 0.97 -2.78 -11.49
C LEU A 132 -0.04 -3.57 -12.28
N HIS A 133 -1.18 -2.95 -12.57
CA HIS A 133 -2.26 -3.61 -13.30
C HIS A 133 -1.84 -3.94 -14.72
N SER A 134 -1.11 -3.03 -15.36
CA SER A 134 -0.59 -3.29 -16.70
C SER A 134 0.39 -4.45 -16.68
N ASN A 135 1.01 -4.72 -15.52
CA ASN A 135 1.90 -5.86 -15.35
C ASN A 135 1.21 -7.05 -14.71
N GLN A 136 -0.12 -6.96 -14.59
CA GLN A 136 -0.90 -8.07 -14.06
C GLN A 136 -0.63 -8.31 -12.58
N VAL A 137 -0.39 -7.22 -11.86
CA VAL A 137 -0.29 -7.28 -10.41
C VAL A 137 -1.43 -6.47 -9.78
N ILE A 138 -2.18 -7.15 -8.91
CA ILE A 138 -3.20 -6.52 -8.08
C ILE A 138 -2.72 -6.42 -6.64
N HIS A 139 -2.74 -5.23 -6.09
CA HIS A 139 -2.12 -5.05 -4.80
C HIS A 139 -2.99 -5.69 -3.73
N ARG A 140 -4.31 -5.40 -3.80
CA ARG A 140 -5.32 -6.05 -2.97
C ARG A 140 -5.40 -5.55 -1.53
N ASP A 141 -4.44 -4.73 -1.11
CA ASP A 141 -4.52 -4.19 0.25
C ASP A 141 -4.21 -2.71 0.31
N ILE A 142 -4.74 -1.94 -0.65
CA ILE A 142 -4.56 -0.49 -0.66
C ILE A 142 -5.25 0.17 0.52
N LYS A 143 -4.50 0.94 1.28
CA LYS A 143 -5.03 1.73 2.40
C LYS A 143 -3.96 2.74 2.84
N SER A 144 -4.34 3.74 3.62
CA SER A 144 -3.41 4.81 3.98
CA SER A 144 -3.43 4.80 4.01
C SER A 144 -2.15 4.26 4.65
N ASP A 145 -2.30 3.16 5.39
CA ASP A 145 -1.18 2.51 6.08
C ASP A 145 -0.13 2.02 5.11
N ASN A 146 -0.58 1.59 3.95
CA ASN A 146 0.34 1.09 2.94
C ASN A 146 0.74 2.13 1.92
N ILE A 147 0.51 3.40 2.25
CA ILE A 147 1.16 4.50 1.55
C ILE A 147 2.21 5.12 2.44
N LEU A 148 3.46 5.11 1.96
CA LEU A 148 4.55 5.75 2.66
C LEU A 148 4.93 7.06 1.97
N LEU A 149 5.40 8.02 2.76
CA LEU A 149 5.66 9.35 2.27
C LEU A 149 7.11 9.74 2.49
N GLY A 150 7.72 10.40 1.50
CA GLY A 150 9.00 11.03 1.71
C GLY A 150 8.82 12.41 2.31
N MET A 151 9.88 12.93 2.91
CA MET A 151 9.89 14.30 3.40
C MET A 151 9.61 15.29 2.28
N ASP A 152 9.91 14.92 1.04
CA ASP A 152 9.70 15.81 -0.11
C ASP A 152 8.29 15.67 -0.73
N GLY A 153 7.40 14.95 -0.08
CA GLY A 153 6.05 14.75 -0.59
C GLY A 153 5.93 13.53 -1.47
N SER A 154 7.01 12.78 -1.65
CA SER A 154 7.01 11.56 -2.45
C SER A 154 6.00 10.57 -1.93
N VAL A 155 5.31 9.88 -2.83
CA VAL A 155 4.23 8.95 -2.49
C VAL A 155 4.51 7.53 -3.01
N LYS A 156 4.62 6.56 -2.11
CA LYS A 156 4.98 5.19 -2.49
C LYS A 156 4.12 4.13 -1.82
N LEU A 157 3.64 3.20 -2.65
CA LEU A 157 2.92 2.02 -2.20
C LEU A 157 3.86 1.03 -1.53
N THR A 158 3.38 0.37 -0.48
CA THR A 158 4.16 -0.63 0.22
C THR A 158 3.31 -1.81 0.61
N ASP A 159 3.97 -2.82 1.17
CA ASP A 159 3.34 -4.04 1.68
C ASP A 159 2.59 -4.83 0.62
N PHE A 160 3.36 -5.55 -0.19
CA PHE A 160 2.79 -6.36 -1.24
C PHE A 160 2.53 -7.81 -0.78
N GLY A 161 2.48 -8.00 0.54
CA GLY A 161 2.27 -9.32 1.10
C GLY A 161 1.05 -10.02 0.53
N PHE A 162 0.04 -9.26 0.16
CA PHE A 162 -1.25 -9.82 -0.24
C PHE A 162 -1.53 -9.65 -1.73
N CYS A 163 -0.53 -9.32 -2.52
CA CYS A 163 -0.79 -9.05 -3.92
C CYS A 163 -1.11 -10.34 -4.71
N ALA A 164 -1.83 -10.19 -5.80
CA ALA A 164 -2.11 -11.31 -6.68
C ALA A 164 -1.46 -11.05 -8.03
N GLN A 165 -0.97 -12.10 -8.65
CA GLN A 165 -0.50 -12.02 -10.02
C GLN A 165 -1.50 -12.78 -10.84
N ILE A 166 -2.06 -12.12 -11.85
CA ILE A 166 -3.07 -12.76 -12.65
C ILE A 166 -2.50 -13.04 -14.03
N THR A 167 -3.27 -13.78 -14.84
CA THR A 167 -2.85 -14.17 -16.17
C THR A 167 -4.08 -14.14 -17.06
N PRO A 168 -3.88 -14.16 -18.38
CA PRO A 168 -5.05 -14.18 -19.27
C PRO A 168 -5.95 -15.38 -18.97
N GLU A 169 -5.38 -16.47 -18.45
CA GLU A 169 -6.11 -17.71 -18.22
C GLU A 169 -6.81 -17.71 -16.86
N GLN A 170 -6.18 -17.10 -15.88
CA GLN A 170 -6.77 -16.92 -14.55
C GLN A 170 -6.69 -15.45 -14.18
N SER A 171 -7.53 -14.65 -14.82
CA SER A 171 -7.44 -13.21 -14.73
C SER A 171 -8.38 -12.66 -13.68
N LYS A 172 -8.90 -13.54 -12.82
CA LYS A 172 -9.79 -13.11 -11.76
C LYS A 172 -9.52 -13.91 -10.52
N ARG A 173 -9.73 -13.29 -9.37
CA ARG A 173 -9.39 -13.91 -8.10
C ARG A 173 -10.63 -13.98 -7.20
N SER A 174 -10.54 -14.74 -6.13
CA SER A 174 -11.65 -14.88 -5.19
C SER A 174 -11.22 -14.80 -3.74
N TPO A 175 -9.94 -15.01 -3.47
CA TPO A 175 -9.46 -15.02 -2.09
CB TPO A 175 -7.98 -15.36 -2.04
CG2 TPO A 175 -7.57 -15.56 -0.58
OG1 TPO A 175 -7.70 -16.56 -2.76
P TPO A 175 -6.74 -16.26 -4.01
O1P TPO A 175 -5.40 -15.50 -3.55
O2P TPO A 175 -7.46 -15.41 -4.97
O3P TPO A 175 -6.36 -17.66 -4.71
C TPO A 175 -9.75 -13.69 -1.39
O TPO A 175 -9.43 -12.62 -1.89
N MET A 176 -10.36 -13.74 -0.21
CA MET A 176 -10.57 -12.53 0.57
C MET A 176 -9.31 -12.22 1.37
N VAL A 177 -8.47 -11.32 0.85
CA VAL A 177 -7.17 -11.04 1.47
C VAL A 177 -7.03 -9.63 2.08
N GLY A 178 -7.82 -8.67 1.60
CA GLY A 178 -7.61 -7.29 2.02
C GLY A 178 -8.14 -6.93 3.39
N THR A 179 -7.86 -5.71 3.84
CA THR A 179 -8.40 -5.18 5.09
C THR A 179 -9.87 -4.75 4.95
N PRO A 180 -10.75 -5.28 5.81
CA PRO A 180 -12.21 -5.18 5.68
C PRO A 180 -12.76 -3.83 5.23
N TYR A 181 -12.44 -2.75 5.92
CA TYR A 181 -13.05 -1.46 5.61
C TYR A 181 -12.75 -0.98 4.18
N TRP A 182 -11.70 -1.51 3.57
CA TRP A 182 -11.24 -1.03 2.27
C TRP A 182 -11.61 -1.96 1.11
N MET A 183 -12.19 -3.11 1.43
CA MET A 183 -12.53 -4.13 0.43
C MET A 183 -13.73 -3.76 -0.43
N ALA A 184 -13.62 -4.01 -1.73
CA ALA A 184 -14.71 -3.78 -2.68
C ALA A 184 -15.88 -4.69 -2.38
N PRO A 185 -17.09 -4.24 -2.73
CA PRO A 185 -18.23 -5.09 -2.36
C PRO A 185 -18.12 -6.47 -3.00
N GLU A 186 -17.63 -6.53 -4.23
CA GLU A 186 -17.62 -7.77 -5.00
C GLU A 186 -16.67 -8.81 -4.41
N VAL A 187 -15.71 -8.39 -3.60
CA VAL A 187 -14.88 -9.36 -2.91
C VAL A 187 -15.74 -10.24 -1.98
N VAL A 188 -16.81 -9.67 -1.42
CA VAL A 188 -17.70 -10.44 -0.55
C VAL A 188 -18.97 -11.00 -1.25
N THR A 189 -19.58 -10.22 -2.14
CA THR A 189 -20.83 -10.64 -2.79
C THR A 189 -20.64 -11.74 -3.83
N ARG A 190 -19.51 -11.71 -4.54
CA ARG A 190 -19.24 -12.72 -5.56
C ARG A 190 -18.02 -13.53 -5.19
N LYS A 191 -17.59 -14.38 -6.12
CA LYS A 191 -16.31 -15.06 -5.99
C LYS A 191 -15.39 -14.80 -7.18
N ALA A 192 -15.63 -13.68 -7.87
CA ALA A 192 -14.77 -13.28 -8.99
C ALA A 192 -14.48 -11.78 -9.01
N TYR A 193 -13.23 -11.41 -8.73
CA TYR A 193 -12.83 -10.01 -8.81
C TYR A 193 -11.49 -9.77 -9.50
N GLY A 194 -11.31 -8.56 -10.02
CA GLY A 194 -10.10 -8.18 -10.74
C GLY A 194 -9.39 -6.97 -10.15
N PRO A 195 -8.53 -6.34 -10.95
CA PRO A 195 -7.68 -5.24 -10.49
C PRO A 195 -8.45 -4.01 -9.99
N LYS A 196 -9.69 -3.87 -10.42
CA LYS A 196 -10.49 -2.73 -9.98
C LYS A 196 -10.85 -2.76 -8.50
N VAL A 197 -10.48 -3.84 -7.78
CA VAL A 197 -10.63 -3.80 -6.32
C VAL A 197 -9.68 -2.78 -5.72
N ASP A 198 -8.55 -2.55 -6.38
CA ASP A 198 -7.59 -1.56 -5.90
C ASP A 198 -8.13 -0.13 -6.05
N ILE A 199 -8.96 0.09 -7.07
CA ILE A 199 -9.56 1.40 -7.32
C ILE A 199 -10.60 1.72 -6.26
N TRP A 200 -11.41 0.72 -5.93
CA TRP A 200 -12.36 0.88 -4.82
C TRP A 200 -11.60 1.22 -3.56
N SER A 201 -10.57 0.45 -3.27
CA SER A 201 -9.74 0.71 -2.10
C SER A 201 -9.19 2.15 -2.06
N LEU A 202 -8.66 2.61 -3.19
CA LEU A 202 -8.18 3.99 -3.33
C LEU A 202 -9.30 5.00 -3.04
N GLY A 203 -10.52 4.69 -3.48
CA GLY A 203 -11.66 5.53 -3.17
C GLY A 203 -11.93 5.64 -1.67
N ILE A 204 -11.87 4.51 -0.98
CA ILE A 204 -12.00 4.50 0.46
C ILE A 204 -10.84 5.32 1.07
N MET A 205 -9.63 5.14 0.56
CA MET A 205 -8.49 5.93 1.03
C MET A 205 -8.73 7.43 0.82
N ALA A 206 -9.38 7.78 -0.29
CA ALA A 206 -9.77 9.17 -0.52
C ALA A 206 -10.74 9.61 0.56
N ILE A 207 -11.68 8.74 0.91
CA ILE A 207 -12.54 9.08 2.04
C ILE A 207 -11.72 9.31 3.33
N GLU A 208 -10.72 8.45 3.55
CA GLU A 208 -9.83 8.66 4.70
C GLU A 208 -9.28 10.10 4.70
N MET A 209 -8.82 10.53 3.53
CA MET A 209 -8.19 11.84 3.40
C MET A 209 -9.16 13.01 3.65
N ILE A 210 -10.44 12.79 3.38
CA ILE A 210 -11.48 13.78 3.66
C ILE A 210 -11.95 13.73 5.12
N GLU A 211 -12.37 12.55 5.58
CA GLU A 211 -13.01 12.43 6.89
C GLU A 211 -12.09 11.94 8.03
N GLY A 212 -10.93 11.40 7.67
CA GLY A 212 -9.97 10.95 8.67
C GLY A 212 -10.01 9.46 8.95
N GLU A 213 -11.08 8.79 8.52
CA GLU A 213 -11.16 7.34 8.61
C GLU A 213 -12.00 6.74 7.49
N PRO A 214 -11.90 5.43 7.27
CA PRO A 214 -12.78 4.82 6.27
C PRO A 214 -14.15 4.64 6.90
N PRO A 215 -15.19 4.43 6.08
CA PRO A 215 -16.53 4.26 6.67
C PRO A 215 -16.61 2.98 7.52
N TYR A 216 -17.46 2.99 8.54
CA TYR A 216 -17.69 1.81 9.38
C TYR A 216 -16.49 1.47 10.27
N LEU A 217 -15.54 2.40 10.40
CA LEU A 217 -14.32 2.09 11.17
C LEU A 217 -14.62 1.69 12.61
N ASN A 218 -15.66 2.29 13.20
CA ASN A 218 -16.07 1.95 14.55
C ASN A 218 -16.68 0.54 14.66
N GLU A 219 -17.30 0.07 13.57
CA GLU A 219 -17.96 -1.23 13.55
C GLU A 219 -16.97 -2.39 13.62
N ASN A 220 -17.43 -3.52 14.16
CA ASN A 220 -16.68 -4.76 14.14
C ASN A 220 -16.39 -5.14 12.69
N PRO A 221 -15.18 -5.65 12.41
CA PRO A 221 -14.80 -6.01 11.04
C PRO A 221 -15.82 -6.94 10.40
N LEU A 222 -16.08 -8.07 11.06
CA LEU A 222 -17.11 -9.01 10.59
C LEU A 222 -18.26 -8.24 9.95
N ARG A 223 -18.76 -7.24 10.66
CA ARG A 223 -19.98 -6.54 10.26
C ARG A 223 -19.74 -5.51 9.14
N ALA A 224 -18.49 -5.11 8.97
CA ALA A 224 -18.13 -4.09 7.99
C ALA A 224 -18.46 -4.57 6.58
N LEU A 225 -18.00 -5.77 6.26
CA LEU A 225 -18.19 -6.32 4.91
C LEU A 225 -19.64 -6.55 4.60
N TYR A 226 -20.44 -6.82 5.63
CA TYR A 226 -21.87 -7.00 5.44
C TYR A 226 -22.48 -5.65 5.08
N LEU A 227 -22.07 -4.62 5.80
CA LEU A 227 -22.48 -3.25 5.49
C LEU A 227 -21.99 -2.80 4.12
N ILE A 228 -20.76 -3.13 3.78
CA ILE A 228 -20.22 -2.80 2.47
C ILE A 228 -21.05 -3.47 1.37
N ALA A 229 -21.23 -4.79 1.46
CA ALA A 229 -22.10 -5.51 0.52
C ALA A 229 -23.49 -4.90 0.38
N THR A 230 -24.13 -4.60 1.51
CA THR A 230 -25.53 -4.16 1.49
C THR A 230 -25.78 -2.65 1.30
N ASN A 231 -24.85 -1.81 1.73
CA ASN A 231 -24.98 -0.37 1.50
C ASN A 231 -24.39 0.05 0.15
N GLY A 232 -23.50 -0.77 -0.40
CA GLY A 232 -22.80 -0.40 -1.61
C GLY A 232 -21.99 0.88 -1.41
N THR A 233 -22.14 1.82 -2.34
CA THR A 233 -21.34 3.04 -2.33
C THR A 233 -21.55 3.81 -1.03
N PRO A 234 -20.48 4.01 -0.24
CA PRO A 234 -20.66 4.64 1.08
C PRO A 234 -20.99 6.11 0.93
N GLU A 235 -21.66 6.65 1.94
CA GLU A 235 -22.07 8.05 1.94
C GLU A 235 -21.06 8.92 2.68
N LEU A 236 -20.86 10.14 2.18
CA LEU A 236 -20.02 11.10 2.90
C LEU A 236 -20.84 11.83 3.94
N GLN A 237 -20.17 12.30 4.99
CA GLN A 237 -20.86 13.03 6.05
C GLN A 237 -21.21 14.45 5.64
N ASN A 238 -20.34 15.10 4.86
CA ASN A 238 -20.70 16.40 4.30
C ASN A 238 -20.29 16.54 2.82
N PRO A 239 -20.99 15.82 1.93
CA PRO A 239 -20.62 15.77 0.50
C PRO A 239 -20.61 17.17 -0.10
N GLU A 240 -21.46 18.04 0.40
CA GLU A 240 -21.58 19.38 -0.14
C GLU A 240 -20.33 20.24 0.12
N LYS A 241 -19.45 19.79 1.00
CA LYS A 241 -18.21 20.52 1.20
C LYS A 241 -17.23 20.27 0.07
N LEU A 242 -17.49 19.26 -0.75
CA LEU A 242 -16.51 18.85 -1.76
C LEU A 242 -16.75 19.51 -3.11
N SER A 243 -15.69 19.68 -3.89
CA SER A 243 -15.82 20.23 -5.22
C SER A 243 -16.57 19.21 -6.07
N ALA A 244 -17.28 19.72 -7.08
CA ALA A 244 -18.03 18.86 -7.99
C ALA A 244 -17.12 17.81 -8.68
N ILE A 245 -15.89 18.19 -8.97
CA ILE A 245 -15.01 17.32 -9.73
C ILE A 245 -14.37 16.29 -8.81
N PHE A 246 -14.16 16.65 -7.55
CA PHE A 246 -13.71 15.68 -6.56
C PHE A 246 -14.83 14.68 -6.36
N ARG A 247 -16.05 15.15 -6.15
CA ARG A 247 -17.17 14.22 -5.96
C ARG A 247 -17.31 13.27 -7.15
N ASP A 248 -17.11 13.80 -8.35
CA ASP A 248 -17.21 12.96 -9.53
C ASP A 248 -16.06 11.94 -9.54
N PHE A 249 -14.87 12.36 -9.11
CA PHE A 249 -13.74 11.43 -9.06
C PHE A 249 -14.07 10.28 -8.12
N LEU A 250 -14.67 10.59 -6.98
CA LEU A 250 -15.00 9.57 -6.00
C LEU A 250 -16.03 8.58 -6.53
N ASN A 251 -17.09 9.13 -7.10
CA ASN A 251 -18.13 8.32 -7.68
C ASN A 251 -17.55 7.32 -8.67
N ARG A 252 -16.54 7.72 -9.45
CA ARG A 252 -15.91 6.77 -10.38
C ARG A 252 -15.09 5.70 -9.66
N CYS A 253 -14.44 6.07 -8.56
CA CYS A 253 -13.67 5.07 -7.78
C CYS A 253 -14.60 4.10 -7.08
N LEU A 254 -15.72 4.61 -6.57
CA LEU A 254 -16.62 3.84 -5.71
C LEU A 254 -17.89 3.32 -6.42
N GLU A 255 -17.81 3.20 -7.73
CA GLU A 255 -18.87 2.66 -8.55
C GLU A 255 -19.11 1.18 -8.18
N MET A 256 -20.36 0.84 -7.86
CA MET A 256 -20.75 -0.53 -7.51
C MET A 256 -20.58 -1.54 -8.65
N ASP A 257 -20.87 -1.06 -9.85
CA ASP A 257 -20.75 -1.84 -11.07
C ASP A 257 -19.28 -1.85 -11.51
N VAL A 258 -18.60 -2.98 -11.38
CA VAL A 258 -17.17 -3.06 -11.71
C VAL A 258 -16.85 -2.55 -13.12
N GLU A 259 -17.77 -2.79 -14.04
CA GLU A 259 -17.57 -2.41 -15.42
C GLU A 259 -17.56 -0.88 -15.57
N LYS A 260 -18.42 -0.21 -14.82
CA LYS A 260 -18.44 1.26 -14.87
C LYS A 260 -17.33 1.92 -14.02
N ARG A 261 -16.90 1.26 -12.95
CA ARG A 261 -15.82 1.79 -12.11
C ARG A 261 -14.64 2.09 -13.02
N GLY A 262 -13.94 3.18 -12.75
CA GLY A 262 -12.79 3.56 -13.56
C GLY A 262 -11.62 2.60 -13.38
N SER A 263 -10.89 2.34 -14.45
CA SER A 263 -9.58 1.73 -14.36
C SER A 263 -8.59 2.83 -13.96
N ALA A 264 -7.37 2.44 -13.58
CA ALA A 264 -6.33 3.40 -13.21
C ALA A 264 -5.95 4.24 -14.43
N LYS A 265 -5.74 3.57 -15.55
CA LYS A 265 -5.40 4.25 -16.80
C LYS A 265 -6.42 5.33 -17.03
N GLU A 266 -7.69 4.97 -16.88
CA GLU A 266 -8.80 5.88 -17.16
C GLU A 266 -8.79 7.03 -16.18
N LEU A 267 -8.58 6.69 -14.91
CA LEU A 267 -8.67 7.70 -13.86
C LEU A 267 -7.50 8.69 -13.89
N LEU A 268 -6.38 8.27 -14.48
CA LEU A 268 -5.22 9.15 -14.62
C LEU A 268 -5.53 10.34 -15.52
N GLN A 269 -6.57 10.22 -16.34
CA GLN A 269 -7.03 11.29 -17.23
C GLN A 269 -8.07 12.19 -16.55
N HIS A 270 -8.59 11.76 -15.40
CA HIS A 270 -9.65 12.53 -14.72
C HIS A 270 -9.20 13.95 -14.35
N GLN A 271 -10.11 14.90 -14.51
CA GLN A 271 -9.79 16.31 -14.32
C GLN A 271 -9.55 16.71 -12.86
N PHE A 272 -10.10 15.94 -11.93
CA PHE A 272 -9.76 16.12 -10.53
C PHE A 272 -8.23 16.08 -10.32
N LEU A 273 -7.51 15.20 -11.00
CA LEU A 273 -6.06 15.12 -10.79
C LEU A 273 -5.35 16.39 -11.22
N LYS A 274 -6.02 17.17 -12.07
CA LYS A 274 -5.41 18.39 -12.62
C LYS A 274 -5.42 19.59 -11.67
N ILE A 275 -6.09 19.48 -10.54
CA ILE A 275 -5.93 20.50 -9.51
C ILE A 275 -4.83 20.09 -8.51
N ALA A 276 -4.14 19.00 -8.79
CA ALA A 276 -3.09 18.56 -7.89
C ALA A 276 -2.11 19.69 -7.59
N LYS A 277 -1.81 19.89 -6.31
CA LYS A 277 -0.71 20.75 -5.92
C LYS A 277 0.63 20.01 -6.11
N PRO A 278 1.74 20.75 -6.18
CA PRO A 278 3.05 20.10 -6.24
C PRO A 278 3.22 19.22 -4.98
N LEU A 279 3.87 18.07 -5.15
CA LEU A 279 4.01 17.13 -4.04
C LEU A 279 4.62 17.75 -2.76
N SER A 280 5.53 18.70 -2.94
CA SER A 280 6.11 19.41 -1.81
C SER A 280 5.06 20.09 -0.92
N SER A 281 3.86 20.34 -1.45
CA SER A 281 2.78 20.92 -0.65
C SER A 281 2.43 20.02 0.53
N LEU A 282 2.88 18.78 0.48
CA LEU A 282 2.56 17.80 1.51
C LEU A 282 3.51 17.90 2.72
N THR A 283 4.65 18.58 2.55
CA THR A 283 5.68 18.55 3.60
C THR A 283 5.23 19.17 4.94
N PRO A 284 4.51 20.30 4.90
CA PRO A 284 3.96 20.84 6.15
C PRO A 284 2.99 19.88 6.88
N LEU A 285 2.17 19.12 6.16
CA LEU A 285 1.33 18.11 6.80
C LEU A 285 2.17 16.97 7.38
N ILE A 286 3.24 16.62 6.68
CA ILE A 286 4.09 15.54 7.09
C ILE A 286 4.80 15.92 8.39
N ALA A 287 5.40 17.11 8.39
CA ALA A 287 6.14 17.61 9.55
C ALA A 287 5.22 17.68 10.77
N ALA A 288 4.06 18.27 10.58
CA ALA A 288 3.09 18.42 11.67
C ALA A 288 2.70 17.06 12.23
N ALA A 289 2.27 16.16 11.34
CA ALA A 289 1.92 14.81 11.76
C ALA A 289 3.08 14.15 12.52
N LYS A 290 4.29 14.24 11.98
CA LYS A 290 5.47 13.68 12.63
C LYS A 290 5.57 14.20 14.07
N GLU A 291 5.47 15.52 14.21
CA GLU A 291 5.59 16.17 15.51
C GLU A 291 4.45 15.81 16.46
N ALA A 292 3.34 15.33 15.92
CA ALA A 292 2.18 14.94 16.74
C ALA A 292 2.24 13.48 17.18
N THR A 293 3.22 12.75 16.67
CA THR A 293 3.39 11.35 17.08
C THR A 293 4.86 10.96 17.28
C10 59U B . 9.17 -2.61 4.54
C13 59U B . 9.30 -5.10 3.30
C15 59U B . 10.04 -3.59 5.03
C17 59U B . 9.44 -6.46 1.22
C20 59U B . 9.09 -9.98 3.42
C21 59U B . 7.71 5.28 7.78
C22 59U B . 7.07 4.41 8.86
C24 59U B . 6.64 5.97 10.74
C26 59U B . 4.34 4.46 11.37
N01 59U B . 9.06 4.81 7.39
N02 59U B . 9.84 3.69 5.35
C01 59U B . 9.23 3.62 6.57
N03 59U B . 8.77 2.49 7.18
C02 59U B . 8.92 1.36 6.49
C03 59U B . 9.50 1.29 5.19
C04 59U B . 9.95 2.51 4.66
N04 59U B . 8.39 0.14 7.18
C05 59U B . 8.48 -1.14 6.53
C06 59U B . 9.09 -1.26 5.23
C07 59U B . 9.58 -0.08 4.55
C08 59U B . 7.78 0.21 8.49
C09 59U B . 6.33 0.66 8.35
O 59U B . 8.01 -2.27 7.12
C11 59U B . 8.35 -2.87 3.45
C12 59U B . 8.42 -4.13 2.83
C14 59U B . 10.10 -4.84 4.42
CL 59U B . 11.02 -3.27 6.39
C16 59U B . 9.33 -6.43 2.62
N05 59U B . 9.43 -7.62 0.53
C18 59U B . 9.32 -8.73 1.29
C19 59U B . 9.21 -8.70 2.67
N06 59U B . 9.22 -7.53 3.36
C23 59U B . 6.00 5.24 9.56
C25 59U B . 5.68 6.47 11.79
N 59U B . 4.39 5.82 11.88
C27 59U B . 4.79 4.39 9.92
C 59U B . 3.55 6.11 13.04
S DMS C . 5.88 -7.82 4.45
O DMS C . 6.37 -8.36 5.74
C1 DMS C . 6.15 -6.08 4.30
C2 DMS C . 4.16 -8.17 4.30
#